data_2I5X
#
_entry.id   2I5X
#
_cell.length_a   61.973
_cell.length_b   71.308
_cell.length_c   69.690
_cell.angle_alpha   90.00
_cell.angle_beta   93.40
_cell.angle_gamma   90.00
#
_symmetry.space_group_name_H-M   'P 1 21 1'
#
loop_
_entity.id
_entity.type
_entity.pdbx_description
1 polymer 'Receptor-type tyrosine-protein phosphatase beta'
2 non-polymer 'CHLORIDE ION'
3 non-polymer '(4-ETHYLPHENYL)SULFAMIC ACID'
4 non-polymer 'MAGNESIUM ION'
5 water water
#
_entity_poly.entity_id   1
_entity_poly.type   'polypeptide(L)'
_entity_poly.pdbx_seq_one_letter_code
;SDRPLSVHLNLGQKGNRKTSCPIKINQFEGHFMKLQADSNYLLSKEYEELKDVGRNQSCDIALLPENRGKNRYNNILPYD
ATRVKLSNVDDDPCSDYINASYIPGNNFRREYIVTQGPLPGTKDDFWKMVWEQNVHNIVMVTQCVEKGRVKCDHYWPADQ
DSLYYGDLILQMLSESVLPEWTIREFKICGEEQLDAHRLIRHFHYTVWPDHGVPETTQSLIQFVRTVRDYINRSPGAGPT
VVHCSAGVGRTGTFIALDRILQQLDSKDSVDIYGAVHDLRLHRVHMVQTECQYVYLHQCVRDVLRARKLRSEQ
;
_entity_poly.pdbx_strand_id   A,B
#
loop_
_chem_comp.id
_chem_comp.type
_chem_comp.name
_chem_comp.formula
CL non-polymer 'CHLORIDE ION' 'Cl -1'
MG non-polymer 'MAGNESIUM ION' 'Mg 2'
UA5 non-polymer '(4-ETHYLPHENYL)SULFAMIC ACID' 'C8 H11 N O3 S'
#
# COMPACT_ATOMS: atom_id res chain seq x y z
N LYS A 18 5.26 -5.15 34.63
CA LYS A 18 5.53 -5.76 33.29
C LYS A 18 6.40 -4.85 32.42
N THR A 19 7.59 -5.33 32.09
CA THR A 19 8.65 -4.48 31.55
C THR A 19 9.19 -5.07 30.24
N SER A 20 8.62 -6.19 29.82
CA SER A 20 9.20 -6.98 28.75
C SER A 20 8.08 -7.83 28.16
N CYS A 21 8.11 -8.06 26.85
CA CYS A 21 7.23 -9.03 26.22
CA CYS A 21 7.22 -9.01 26.21
C CYS A 21 7.94 -9.71 25.07
N PRO A 22 8.91 -10.57 25.38
CA PRO A 22 9.69 -11.21 24.31
C PRO A 22 8.89 -12.25 23.57
N ILE A 23 8.98 -12.21 22.24
CA ILE A 23 8.19 -13.07 21.37
C ILE A 23 9.15 -13.95 20.57
N LYS A 24 9.01 -15.26 20.69
CA LYS A 24 9.77 -16.17 19.83
C LYS A 24 9.60 -15.79 18.37
N ILE A 25 10.70 -15.80 17.63
CA ILE A 25 10.66 -15.41 16.23
C ILE A 25 9.65 -16.24 15.41
N ASN A 26 9.61 -17.55 15.65
CA ASN A 26 8.68 -18.41 14.93
C ASN A 26 7.21 -18.14 15.29
N GLN A 27 7.01 -17.31 16.31
CA GLN A 27 5.67 -16.98 16.76
C GLN A 27 5.27 -15.54 16.47
N PHE A 28 6.19 -14.76 15.91
CA PHE A 28 5.94 -13.33 15.81
C PHE A 28 4.79 -12.98 14.85
N GLU A 29 4.75 -13.66 13.71
CA GLU A 29 3.71 -13.39 12.73
CA GLU A 29 3.71 -13.41 12.73
C GLU A 29 2.32 -13.54 13.35
N GLY A 30 2.09 -14.64 14.06
CA GLY A 30 0.81 -14.90 14.69
C GLY A 30 0.52 -13.96 15.86
N HIS A 31 1.56 -13.63 16.62
CA HIS A 31 1.46 -12.66 17.71
C HIS A 31 0.94 -11.32 17.21
N PHE A 32 1.56 -10.80 16.15
CA PHE A 32 1.20 -9.49 15.62
C PHE A 32 -0.23 -9.52 15.06
N MET A 33 -0.60 -10.63 14.43
CA MET A 33 -1.98 -10.83 13.97
C MET A 33 -2.98 -10.74 15.12
N LYS A 34 -2.64 -11.38 16.24
CA LYS A 34 -3.49 -11.30 17.43
C LYS A 34 -3.61 -9.85 17.91
N LEU A 35 -2.49 -9.14 17.94
CA LEU A 35 -2.50 -7.75 18.38
C LEU A 35 -3.38 -6.91 17.47
N GLN A 36 -3.39 -7.25 16.18
CA GLN A 36 -4.10 -6.47 15.18
C GLN A 36 -5.61 -6.76 15.15
N ALA A 37 -6.00 -7.90 15.72
CA ALA A 37 -7.39 -8.35 15.61
C ALA A 37 -8.36 -7.35 16.22
N ASP A 38 -9.59 -7.32 15.71
CA ASP A 38 -10.62 -6.43 16.24
C ASP A 38 -10.14 -4.99 16.30
N SER A 39 -9.72 -4.45 15.17
CA SER A 39 -9.24 -3.08 15.08
C SER A 39 -8.18 -2.78 16.13
N ASN A 40 -7.13 -3.59 16.16
CA ASN A 40 -5.95 -3.32 16.99
C ASN A 40 -6.26 -3.30 18.49
N TYR A 41 -7.22 -4.10 18.92
CA TYR A 41 -7.68 -4.03 20.30
C TYR A 41 -6.53 -4.30 21.28
N LEU A 42 -5.83 -5.41 21.08
CA LEU A 42 -4.74 -5.78 21.97
C LEU A 42 -3.50 -4.92 21.78
N LEU A 43 -3.23 -4.52 20.54
CA LEU A 43 -2.12 -3.60 20.28
C LEU A 43 -2.30 -2.30 21.03
N SER A 44 -3.50 -1.71 20.91
CA SER A 44 -3.80 -0.46 21.58
C SER A 44 -3.65 -0.58 23.09
N LYS A 45 -4.14 -1.70 23.64
CA LYS A 45 -4.05 -1.98 25.07
C LYS A 45 -2.59 -1.98 25.53
N GLU A 46 -1.74 -2.65 24.76
CA GLU A 46 -0.31 -2.72 25.03
C GLU A 46 0.36 -1.35 24.98
N TYR A 47 0.08 -0.61 23.92
CA TYR A 47 0.65 0.72 23.73
C TYR A 47 0.22 1.67 24.86
N GLU A 48 -1.02 1.52 25.31
CA GLU A 48 -1.53 2.35 26.40
C GLU A 48 -0.76 2.13 27.70
N GLU A 49 -0.41 0.88 27.98
CA GLU A 49 0.38 0.54 29.17
C GLU A 49 1.70 1.31 29.15
N LEU A 50 2.32 1.36 27.97
CA LEU A 50 3.65 1.94 27.88
C LEU A 50 3.60 3.41 28.24
N LYS A 51 2.43 4.02 28.10
CA LYS A 51 2.30 5.44 28.34
C LYS A 51 2.48 5.81 29.81
N ASP A 52 2.36 4.83 30.71
CA ASP A 52 2.62 5.10 32.13
C ASP A 52 4.09 4.93 32.54
N VAL A 53 4.89 4.37 31.64
CA VAL A 53 6.25 4.02 32.01
C VAL A 53 7.09 5.28 32.22
N GLY A 54 7.82 5.31 33.33
CA GLY A 54 8.73 6.41 33.63
C GLY A 54 8.07 7.67 34.20
N ARG A 55 6.75 7.64 34.38
CA ARG A 55 5.94 8.85 34.65
CA ARG A 55 6.06 8.91 34.61
C ARG A 55 6.15 9.42 36.06
N ASN A 56 6.85 8.67 36.90
CA ASN A 56 7.12 9.13 38.26
C ASN A 56 8.27 10.13 38.33
N GLN A 57 8.91 10.42 37.18
CA GLN A 57 10.15 11.19 37.17
C GLN A 57 10.00 12.68 36.89
N SER A 58 10.77 13.49 37.61
CA SER A 58 10.66 14.94 37.51
C SER A 58 11.52 15.51 36.37
N CYS A 59 11.17 16.73 35.96
CA CYS A 59 11.93 17.48 34.97
CA CYS A 59 11.94 17.47 34.99
C CYS A 59 12.22 18.89 35.50
N ASP A 60 12.62 18.97 36.77
CA ASP A 60 12.74 20.27 37.41
C ASP A 60 13.79 21.17 36.76
N ILE A 61 14.91 20.59 36.34
CA ILE A 61 16.00 21.39 35.83
C ILE A 61 15.58 22.06 34.53
N ALA A 62 14.93 21.29 33.66
CA ALA A 62 14.45 21.81 32.38
C ALA A 62 13.46 22.96 32.56
N LEU A 63 12.80 22.99 33.71
CA LEU A 63 11.77 24.00 34.02
C LEU A 63 12.31 25.26 34.67
N LEU A 64 13.61 25.29 34.98
CA LEU A 64 14.19 26.48 35.59
C LEU A 64 14.03 27.69 34.66
N PRO A 65 13.74 28.86 35.23
CA PRO A 65 13.52 30.04 34.40
C PRO A 65 14.64 30.27 33.38
N GLU A 66 15.88 30.07 33.81
CA GLU A 66 17.05 30.32 32.97
C GLU A 66 17.12 29.36 31.78
N ASN A 67 16.36 28.27 31.84
CA ASN A 67 16.39 27.27 30.76
C ASN A 67 15.22 27.34 29.79
N ARG A 68 14.26 28.20 30.07
CA ARG A 68 13.00 28.20 29.31
C ARG A 68 13.21 28.33 27.80
N GLY A 69 14.15 29.19 27.42
CA GLY A 69 14.42 29.49 26.02
C GLY A 69 15.18 28.38 25.33
N LYS A 70 15.55 27.36 26.10
CA LYS A 70 16.44 26.30 25.60
C LYS A 70 15.64 25.07 25.21
N ASN A 71 14.33 25.14 25.42
CA ASN A 71 13.42 24.06 25.05
C ASN A 71 12.54 24.42 23.85
N ARG A 72 12.55 23.56 22.83
CA ARG A 72 11.79 23.80 21.62
C ARG A 72 10.29 23.73 21.91
N TYR A 73 9.90 22.73 22.70
CA TYR A 73 8.52 22.53 23.14
C TYR A 73 8.46 22.58 24.66
N ASN A 74 7.57 23.43 25.19
CA ASN A 74 7.52 23.63 26.62
C ASN A 74 7.12 22.35 27.37
N ASN A 75 6.50 21.42 26.66
CA ASN A 75 6.01 20.18 27.27
C ASN A 75 6.81 18.94 26.89
N ILE A 76 7.97 19.13 26.25
CA ILE A 76 8.85 18.01 25.94
C ILE A 76 10.21 18.28 26.55
N LEU A 77 10.44 17.72 27.74
CA LEU A 77 11.60 18.05 28.56
C LEU A 77 12.25 16.77 29.04
N PRO A 78 13.58 16.80 29.19
CA PRO A 78 14.30 15.62 29.68
C PRO A 78 13.99 15.38 31.15
N TYR A 79 13.94 14.12 31.57
CA TYR A 79 13.93 13.78 33.00
C TYR A 79 15.24 14.19 33.66
N ASP A 80 15.16 14.74 34.87
CA ASP A 80 16.35 15.08 35.66
C ASP A 80 17.31 13.89 35.75
N ALA A 81 16.76 12.69 35.96
CA ALA A 81 17.56 11.49 36.24
C ALA A 81 18.44 11.06 35.07
N THR A 82 18.10 11.47 33.85
CA THR A 82 18.77 10.89 32.68
C THR A 82 19.22 11.96 31.69
N ARG A 83 19.12 13.24 32.07
CA ARG A 83 19.52 14.30 31.14
C ARG A 83 21.04 14.28 30.87
N VAL A 84 21.42 14.77 29.69
CA VAL A 84 22.83 14.99 29.37
C VAL A 84 23.28 16.37 29.90
N LYS A 85 24.37 16.41 30.69
CA LYS A 85 24.90 17.67 31.20
C LYS A 85 26.08 18.17 30.36
N LEU A 86 26.07 19.47 30.04
CA LEU A 86 27.24 20.13 29.46
C LEU A 86 28.24 20.44 30.59
N SER A 87 29.53 20.40 30.28
CA SER A 87 30.54 20.89 31.23
C SER A 87 30.21 22.32 31.67
N ASN A 88 30.40 22.59 32.95
CA ASN A 88 30.16 23.93 33.52
C ASN A 88 28.70 24.14 33.92
N PRO A 93 25.18 28.10 38.10
CA PRO A 93 24.31 28.44 36.97
C PRO A 93 24.01 27.22 36.11
N CYS A 94 22.86 27.23 35.43
CA CYS A 94 22.51 26.12 34.55
C CYS A 94 23.00 26.33 33.12
N SER A 95 24.24 26.79 33.02
CA SER A 95 25.00 26.59 31.81
C SER A 95 25.18 25.11 31.49
N ASP A 96 24.80 24.21 32.40
CA ASP A 96 24.94 22.78 32.09
C ASP A 96 23.80 22.17 31.28
N TYR A 97 22.78 22.99 30.98
CA TYR A 97 21.53 22.42 30.50
C TYR A 97 21.47 22.30 28.99
N ILE A 98 21.12 21.11 28.52
CA ILE A 98 20.62 20.94 27.17
C ILE A 98 19.43 19.98 27.17
N ASN A 99 18.50 20.18 26.25
CA ASN A 99 17.36 19.28 26.15
C ASN A 99 17.80 18.01 25.42
N ALA A 100 18.34 17.08 26.20
CA ALA A 100 18.87 15.83 25.64
C ALA A 100 18.92 14.80 26.76
N SER A 101 18.87 13.53 26.37
CA SER A 101 18.72 12.43 27.32
C SER A 101 19.62 11.29 26.89
N TYR A 102 20.23 10.59 27.87
CA TYR A 102 20.95 9.34 27.58
C TYR A 102 19.97 8.17 27.46
N ILE A 103 20.16 7.33 26.45
CA ILE A 103 19.31 6.16 26.22
C ILE A 103 20.15 4.89 26.07
N PRO A 104 19.86 3.83 26.84
CA PRO A 104 20.50 2.54 26.62
C PRO A 104 20.11 1.90 25.30
N GLY A 105 21.01 1.09 24.76
CA GLY A 105 20.65 0.22 23.64
C GLY A 105 20.93 -1.23 23.94
N ASN A 106 21.07 -2.02 22.89
CA ASN A 106 21.27 -3.46 23.01
C ASN A 106 22.59 -3.76 23.71
N ASN A 107 23.52 -2.81 23.62
CA ASN A 107 24.94 -3.10 23.77
C ASN A 107 25.57 -2.43 24.99
N PHE A 108 25.15 -1.19 25.26
CA PHE A 108 25.61 -0.47 26.44
C PHE A 108 24.61 0.58 26.91
N ARG A 109 24.84 1.12 28.11
CA ARG A 109 23.83 1.97 28.74
C ARG A 109 23.75 3.42 28.25
N ARG A 110 24.84 3.93 27.71
CA ARG A 110 24.80 5.26 27.10
C ARG A 110 25.03 5.14 25.59
N GLU A 111 24.22 4.28 24.96
CA GLU A 111 24.43 3.92 23.57
C GLU A 111 23.98 5.04 22.64
N TYR A 112 22.97 5.78 23.07
CA TYR A 112 22.47 6.93 22.30
C TYR A 112 22.32 8.17 23.17
N ILE A 113 22.49 9.33 22.56
CA ILE A 113 21.96 10.56 23.15
C ILE A 113 20.82 11.01 22.24
N VAL A 114 19.65 11.20 22.84
CA VAL A 114 18.47 11.68 22.12
CA VAL A 114 18.54 11.73 22.07
C VAL A 114 18.28 13.16 22.44
N THR A 115 17.95 13.98 21.44
CA THR A 115 17.82 15.40 21.71
C THR A 115 16.75 16.00 20.81
N GLN A 116 16.30 17.20 21.18
CA GLN A 116 15.39 17.94 20.32
C GLN A 116 16.16 18.47 19.09
N GLY A 117 15.43 18.87 18.06
CA GLY A 117 16.04 19.61 16.96
C GLY A 117 16.61 20.90 17.49
N PRO A 118 17.92 21.10 17.31
CA PRO A 118 18.55 22.32 17.83
C PRO A 118 17.82 23.61 17.43
N LEU A 119 17.78 24.55 18.37
CA LEU A 119 17.25 25.89 18.09
C LEU A 119 18.39 26.81 17.68
N PRO A 120 18.07 27.93 17.01
CA PRO A 120 19.11 28.90 16.69
C PRO A 120 19.99 29.22 17.91
N GLY A 121 19.37 29.39 19.07
CA GLY A 121 20.10 29.74 20.28
C GLY A 121 20.65 28.57 21.09
N THR A 122 20.42 27.34 20.65
CA THR A 122 21.01 26.18 21.33
C THR A 122 21.93 25.33 20.46
N LYS A 123 22.10 25.69 19.19
CA LYS A 123 22.95 24.84 18.36
C LYS A 123 24.42 24.85 18.78
N ASP A 124 24.88 25.93 19.40
CA ASP A 124 26.24 25.93 19.97
C ASP A 124 26.34 24.93 21.13
N ASP A 125 25.29 24.86 21.94
CA ASP A 125 25.21 23.85 23.02
C ASP A 125 25.23 22.42 22.46
N PHE A 126 24.48 22.23 21.38
CA PHE A 126 24.39 20.94 20.70
C PHE A 126 25.79 20.50 20.26
N TRP A 127 26.50 21.38 19.56
CA TRP A 127 27.83 21.01 19.09
C TRP A 127 28.83 20.81 20.23
N LYS A 128 28.70 21.62 21.29
CA LYS A 128 29.51 21.41 22.49
C LYS A 128 29.29 20.00 23.08
N MET A 129 28.02 19.60 23.18
CA MET A 129 27.69 18.24 23.60
C MET A 129 28.31 17.14 22.72
N VAL A 130 28.17 17.33 21.41
CA VAL A 130 28.79 16.40 20.44
C VAL A 130 30.31 16.28 20.69
N TRP A 131 30.97 17.42 20.87
CA TRP A 131 32.41 17.43 21.14
C TRP A 131 32.75 16.71 22.45
N GLU A 132 32.10 17.13 23.53
CA GLU A 132 32.42 16.64 24.89
C GLU A 132 32.10 15.16 25.09
N GLN A 133 31.09 14.67 24.36
CA GLN A 133 30.65 13.28 24.50
C GLN A 133 31.33 12.34 23.49
N ASN A 134 32.28 12.88 22.72
CA ASN A 134 33.03 12.10 21.74
C ASN A 134 32.13 11.43 20.69
N VAL A 135 31.07 12.14 20.31
CA VAL A 135 30.11 11.65 19.31
C VAL A 135 30.77 11.64 17.94
N HIS A 136 30.63 10.53 17.21
CA HIS A 136 31.12 10.44 15.81
C HIS A 136 29.98 10.37 14.79
N ASN A 137 28.78 10.03 15.26
CA ASN A 137 27.65 9.78 14.37
C ASN A 137 26.40 10.51 14.86
N ILE A 138 25.77 11.26 13.97
CA ILE A 138 24.53 11.96 14.29
C ILE A 138 23.45 11.52 13.32
N VAL A 139 22.29 11.15 13.86
CA VAL A 139 21.16 10.72 13.02
C VAL A 139 20.03 11.74 13.17
N MET A 140 19.58 12.25 12.03
CA MET A 140 18.54 13.26 12.01
C MET A 140 17.36 12.72 11.19
N VAL A 141 16.20 12.60 11.83
CA VAL A 141 15.04 12.00 11.14
C VAL A 141 13.85 12.95 11.01
N THR A 142 14.14 14.25 11.01
CA THR A 142 13.15 15.27 10.64
C THR A 142 13.71 16.10 9.49
N GLN A 143 12.84 16.78 8.76
CA GLN A 143 13.27 17.93 7.96
C GLN A 143 13.20 19.18 8.82
N CYS A 144 13.93 20.22 8.41
CA CYS A 144 13.96 21.47 9.17
C CYS A 144 12.60 22.17 9.15
N VAL A 145 11.94 22.10 8.01
CA VAL A 145 10.57 22.60 7.87
C VAL A 145 9.70 21.52 7.26
N GLU A 146 8.51 21.32 7.81
CA GLU A 146 7.59 20.32 7.31
C GLU A 146 6.18 20.89 7.20
N LYS A 147 5.62 20.82 5.99
CA LYS A 147 4.34 21.46 5.71
C LYS A 147 4.32 22.90 6.26
N GLY A 148 5.40 23.63 6.05
CA GLY A 148 5.45 25.06 6.37
C GLY A 148 5.72 25.39 7.83
N ARG A 149 5.80 24.36 8.68
CA ARG A 149 6.05 24.55 10.11
C ARG A 149 7.50 24.21 10.44
N VAL A 150 8.15 25.09 11.21
CA VAL A 150 9.55 24.87 11.58
C VAL A 150 9.68 23.73 12.58
N LYS A 151 10.58 22.79 12.29
CA LYS A 151 10.80 21.61 13.15
C LYS A 151 12.19 21.58 13.76
N CYS A 152 13.15 22.19 13.09
CA CYS A 152 14.55 22.10 13.50
C CYS A 152 15.30 23.25 12.83
N ASP A 153 16.23 23.86 13.55
CA ASP A 153 17.11 24.84 12.90
C ASP A 153 18.06 24.12 11.94
N HIS A 154 18.48 24.82 10.88
CA HIS A 154 19.57 24.32 10.08
C HIS A 154 20.86 24.65 10.80
N TYR A 155 21.51 23.63 11.36
CA TYR A 155 22.54 23.84 12.37
C TYR A 155 23.93 23.39 11.95
N TRP A 156 24.12 23.19 10.64
CA TRP A 156 25.44 22.82 10.10
C TRP A 156 25.85 23.73 8.94
N PRO A 157 27.15 23.82 8.63
CA PRO A 157 27.56 24.61 7.46
C PRO A 157 27.24 23.86 6.18
N ALA A 158 26.69 24.56 5.18
CA ALA A 158 25.82 23.92 4.20
C ALA A 158 26.46 23.65 2.83
N ASP A 159 27.68 24.13 2.61
CA ASP A 159 28.33 23.92 1.32
C ASP A 159 29.86 23.95 1.37
N GLN A 160 30.44 22.88 1.89
CA GLN A 160 31.89 22.71 1.82
C GLN A 160 32.55 23.93 2.45
N ASP A 161 31.82 24.60 3.33
CA ASP A 161 32.36 25.77 3.98
C ASP A 161 32.50 25.55 5.49
N SER A 162 32.76 26.63 6.20
CA SER A 162 33.04 26.51 7.63
C SER A 162 32.29 27.57 8.40
N LEU A 163 31.95 27.24 9.64
CA LEU A 163 31.29 28.17 10.55
C LEU A 163 31.69 27.85 11.98
N TYR A 164 31.74 28.88 12.80
CA TYR A 164 31.92 28.70 14.24
C TYR A 164 30.62 28.33 14.93
N TYR A 165 30.71 27.43 15.89
CA TYR A 165 29.64 27.16 16.83
C TYR A 165 30.23 27.19 18.23
N GLY A 166 30.00 28.30 18.94
CA GLY A 166 30.70 28.56 20.20
C GLY A 166 32.20 28.53 19.99
N ASP A 167 32.86 27.69 20.78
CA ASP A 167 34.33 27.60 20.75
C ASP A 167 34.81 26.60 19.71
N LEU A 168 33.89 26.03 18.93
CA LEU A 168 34.25 25.01 17.95
C LEU A 168 34.15 25.58 16.55
N ILE A 169 34.93 25.03 15.63
CA ILE A 169 34.73 25.30 14.20
CA ILE A 169 34.68 25.30 14.23
C ILE A 169 34.30 24.01 13.50
N LEU A 170 33.27 24.13 12.66
CA LEU A 170 32.77 22.99 11.87
CA LEU A 170 32.79 22.99 11.87
C LEU A 170 32.99 23.27 10.39
N GLN A 171 33.44 22.25 9.67
CA GLN A 171 33.63 22.37 8.23
CA GLN A 171 33.69 22.36 8.24
C GLN A 171 33.05 21.17 7.52
N MET A 172 32.25 21.43 6.48
CA MET A 172 31.73 20.33 5.70
C MET A 172 32.81 19.77 4.80
N LEU A 173 32.99 18.45 4.86
CA LEU A 173 33.95 17.77 4.00
C LEU A 173 33.28 17.15 2.79
N SER A 174 32.08 16.62 2.98
CA SER A 174 31.38 15.98 1.87
C SER A 174 29.89 15.88 2.12
N GLU A 175 29.13 15.70 1.04
CA GLU A 175 27.69 15.54 1.13
C GLU A 175 27.26 14.61 0.01
N SER A 176 26.59 13.54 0.39
CA SER A 176 26.05 12.59 -0.58
C SER A 176 24.54 12.53 -0.47
N VAL A 177 23.87 13.02 -1.51
CA VAL A 177 22.42 13.06 -1.51
C VAL A 177 21.86 11.81 -2.19
N LEU A 178 21.02 11.09 -1.46
CA LEU A 178 20.24 10.00 -2.03
C LEU A 178 18.75 10.31 -1.93
N PRO A 179 17.93 9.51 -2.61
CA PRO A 179 16.51 9.83 -2.71
C PRO A 179 15.82 9.95 -1.34
N GLU A 180 16.22 9.15 -0.36
CA GLU A 180 15.52 9.11 0.92
C GLU A 180 16.36 9.55 2.11
N TRP A 181 17.67 9.68 1.90
CA TRP A 181 18.55 10.25 2.91
C TRP A 181 19.78 10.91 2.32
N THR A 182 20.40 11.75 3.13
CA THR A 182 21.63 12.42 2.74
C THR A 182 22.68 12.18 3.82
N ILE A 183 23.90 11.85 3.40
CA ILE A 183 24.97 11.60 4.36
C ILE A 183 26.03 12.68 4.19
N ARG A 184 26.33 13.37 5.27
CA ARG A 184 27.32 14.44 5.27
C ARG A 184 28.46 14.09 6.19
N GLU A 185 29.66 14.56 5.87
CA GLU A 185 30.80 14.39 6.75
C GLU A 185 31.37 15.76 7.09
N PHE A 186 31.63 15.98 8.38
CA PHE A 186 32.20 17.23 8.88
C PHE A 186 33.50 16.96 9.63
N LYS A 187 34.38 17.95 9.62
CA LYS A 187 35.48 18.00 10.56
C LYS A 187 35.15 19.03 11.62
N ILE A 188 35.41 18.68 12.87
CA ILE A 188 35.19 19.59 13.98
C ILE A 188 36.50 19.86 14.71
N CYS A 189 36.75 21.13 15.03
CA CYS A 189 38.04 21.56 15.60
C CYS A 189 37.78 22.26 16.91
N GLY A 190 38.52 21.87 17.95
CA GLY A 190 38.28 22.37 19.30
C GLY A 190 39.53 22.98 19.91
N HIS A 197 40.72 17.80 15.52
CA HIS A 197 40.00 17.46 14.30
C HIS A 197 39.42 16.05 14.39
N ARG A 198 38.19 15.97 14.90
CA ARG A 198 37.42 14.75 14.76
C ARG A 198 36.59 14.82 13.48
N LEU A 199 36.29 13.64 12.92
CA LEU A 199 35.35 13.55 11.81
CA LEU A 199 35.36 13.51 11.79
C LEU A 199 33.99 13.11 12.33
N ILE A 200 32.95 13.81 11.90
CA ILE A 200 31.58 13.52 12.30
C ILE A 200 30.79 13.11 11.05
N ARG A 201 30.03 12.02 11.14
CA ARG A 201 29.11 11.67 10.07
C ARG A 201 27.69 12.02 10.48
N HIS A 202 26.93 12.55 9.53
CA HIS A 202 25.58 13.02 9.79
C HIS A 202 24.64 12.29 8.79
N PHE A 203 23.66 11.59 9.36
CA PHE A 203 22.77 10.74 8.56
C PHE A 203 21.37 11.34 8.57
N HIS A 204 20.94 11.90 7.45
CA HIS A 204 19.74 12.71 7.43
C HIS A 204 18.65 12.01 6.63
N TYR A 205 17.70 11.41 7.33
CA TYR A 205 16.57 10.73 6.68
C TYR A 205 15.48 11.76 6.42
N THR A 206 15.12 11.94 5.15
CA THR A 206 14.39 13.15 4.74
C THR A 206 12.92 12.87 4.37
N VAL A 207 12.46 11.64 4.57
CA VAL A 207 11.13 11.28 4.11
C VAL A 207 10.23 10.67 5.21
N TRP A 208 10.41 11.15 6.45
CA TRP A 208 9.63 10.67 7.61
C TRP A 208 8.72 11.77 8.15
N PRO A 209 7.41 11.70 7.83
CA PRO A 209 6.50 12.74 8.31
C PRO A 209 6.38 12.76 9.83
N ASP A 210 6.37 13.96 10.40
CA ASP A 210 6.09 14.13 11.80
C ASP A 210 4.79 13.46 12.25
N HIS A 211 4.85 12.85 13.43
CA HIS A 211 3.74 12.09 14.01
C HIS A 211 3.29 10.89 13.18
N GLY A 212 4.08 10.54 12.17
CA GLY A 212 3.70 9.49 11.24
C GLY A 212 4.80 8.46 11.06
N VAL A 213 4.76 7.77 9.92
CA VAL A 213 5.74 6.73 9.60
C VAL A 213 6.18 6.87 8.14
N PRO A 214 7.34 6.30 7.79
CA PRO A 214 7.72 6.24 6.37
C PRO A 214 6.74 5.43 5.52
N GLU A 215 6.80 5.61 4.20
CA GLU A 215 5.84 5.01 3.27
C GLU A 215 5.98 3.49 3.22
N THR A 216 7.19 3.00 3.50
CA THR A 216 7.47 1.57 3.48
C THR A 216 8.31 1.18 4.70
N THR A 217 8.21 -0.07 5.11
CA THR A 217 9.16 -0.64 6.06
C THR A 217 10.57 -0.74 5.47
N GLN A 218 10.65 -1.11 4.20
CA GLN A 218 11.93 -1.30 3.52
C GLN A 218 12.84 -0.08 3.70
N SER A 219 12.26 1.10 3.58
CA SER A 219 13.06 2.33 3.54
C SER A 219 13.81 2.53 4.86
N LEU A 220 13.08 2.49 5.97
CA LEU A 220 13.71 2.72 7.26
C LEU A 220 14.60 1.55 7.68
N ILE A 221 14.19 0.33 7.34
CA ILE A 221 15.04 -0.82 7.63
C ILE A 221 16.41 -0.64 6.98
N GLN A 222 16.43 -0.21 5.73
CA GLN A 222 17.69 0.01 5.03
C GLN A 222 18.49 1.14 5.67
N PHE A 223 17.81 2.23 6.00
CA PHE A 223 18.47 3.36 6.64
C PHE A 223 19.11 2.94 7.96
N VAL A 224 18.34 2.25 8.81
CA VAL A 224 18.86 1.75 10.08
C VAL A 224 20.07 0.83 9.90
N ARG A 225 19.98 -0.10 8.96
CA ARG A 225 21.10 -1.01 8.71
C ARG A 225 22.35 -0.26 8.26
N THR A 226 22.16 0.77 7.44
CA THR A 226 23.25 1.63 6.98
C THR A 226 23.90 2.36 8.13
N VAL A 227 23.11 3.05 8.94
CA VAL A 227 23.66 3.71 10.12
C VAL A 227 24.40 2.75 11.06
N ARG A 228 23.80 1.59 11.31
CA ARG A 228 24.39 0.59 12.20
C ARG A 228 25.75 0.11 11.66
N ASP A 229 25.85 -0.03 10.34
CA ASP A 229 27.11 -0.38 9.69
C ASP A 229 28.19 0.67 9.97
N TYR A 230 27.86 1.94 9.80
CA TYR A 230 28.79 3.02 10.14
C TYR A 230 29.14 3.05 11.64
N ILE A 231 28.14 2.89 12.50
CA ILE A 231 28.42 2.85 13.94
C ILE A 231 29.43 1.75 14.26
N ASN A 232 29.19 0.57 13.71
CA ASN A 232 30.10 -0.55 13.95
C ASN A 232 31.51 -0.25 13.44
N ARG A 233 31.61 0.62 12.44
CA ARG A 233 32.90 1.02 11.86
C ARG A 233 33.49 2.28 12.49
N SER A 234 33.02 2.64 13.68
CA SER A 234 33.42 3.87 14.35
C SER A 234 34.14 3.59 15.67
N PRO A 235 35.38 3.10 15.57
CA PRO A 235 36.10 2.74 16.79
C PRO A 235 36.31 3.94 17.70
N GLY A 236 35.98 3.78 18.98
CA GLY A 236 36.23 4.84 19.94
C GLY A 236 35.08 5.81 20.12
N ALA A 237 34.01 5.63 19.33
CA ALA A 237 32.89 6.56 19.36
C ALA A 237 32.18 6.56 20.73
N GLY A 238 31.76 7.75 21.16
CA GLY A 238 30.77 7.90 22.24
C GLY A 238 29.37 7.53 21.77
N PRO A 239 28.36 8.06 22.45
CA PRO A 239 26.98 7.73 22.07
C PRO A 239 26.69 8.19 20.64
N THR A 240 25.75 7.51 19.99
CA THR A 240 25.22 7.98 18.73
C THR A 240 24.12 9.00 19.06
N VAL A 241 24.23 10.20 18.50
CA VAL A 241 23.16 11.19 18.69
C VAL A 241 22.03 10.89 17.70
N VAL A 242 20.79 10.89 18.20
CA VAL A 242 19.62 10.75 17.32
C VAL A 242 18.65 11.87 17.66
N HIS A 243 18.17 12.58 16.64
CA HIS A 243 17.16 13.60 16.90
C HIS A 243 16.16 13.75 15.76
N CYS A 244 15.01 14.32 16.13
CA CYS A 244 13.99 14.72 15.18
C CYS A 244 13.59 16.15 15.52
N SER A 245 12.30 16.43 15.70
CA SER A 245 11.92 17.76 16.18
C SER A 245 11.87 17.84 17.70
N ALA A 246 11.00 17.04 18.31
CA ALA A 246 10.92 16.98 19.77
C ALA A 246 11.91 16.00 20.40
N GLY A 247 12.49 15.12 19.58
CA GLY A 247 13.35 14.05 20.10
C GLY A 247 12.60 12.95 20.84
N VAL A 248 11.40 12.62 20.39
CA VAL A 248 10.63 11.53 21.01
C VAL A 248 10.01 10.52 20.06
N GLY A 249 9.25 10.99 19.07
CA GLY A 249 8.45 10.08 18.26
C GLY A 249 9.29 9.37 17.20
N ARG A 250 9.80 10.14 16.26
CA ARG A 250 10.59 9.55 15.20
C ARG A 250 11.93 9.04 15.71
N THR A 251 12.55 9.82 16.58
CA THR A 251 13.77 9.38 17.28
C THR A 251 13.57 8.05 18.02
N GLY A 252 12.48 7.96 18.78
CA GLY A 252 12.24 6.75 19.57
C GLY A 252 12.02 5.54 18.68
N THR A 253 11.26 5.73 17.61
CA THR A 253 11.00 4.67 16.64
C THR A 253 12.30 4.21 15.96
N PHE A 254 13.16 5.15 15.59
CA PHE A 254 14.47 4.80 15.05
C PHE A 254 15.26 3.91 15.99
N ILE A 255 15.37 4.33 17.25
CA ILE A 255 16.16 3.58 18.23
C ILE A 255 15.55 2.21 18.49
N ALA A 256 14.23 2.15 18.65
CA ALA A 256 13.57 0.86 18.85
C ALA A 256 13.90 -0.09 17.68
N LEU A 257 13.78 0.42 16.45
CA LEU A 257 14.03 -0.41 15.27
C LEU A 257 15.50 -0.85 15.23
N ASP A 258 16.43 0.05 15.55
CA ASP A 258 17.85 -0.29 15.60
C ASP A 258 18.08 -1.44 16.60
N ARG A 259 17.46 -1.36 17.77
CA ARG A 259 17.62 -2.39 18.79
C ARG A 259 17.01 -3.72 18.33
N ILE A 260 15.79 -3.68 17.80
CA ILE A 260 15.10 -4.93 17.48
C ILE A 260 15.71 -5.64 16.28
N LEU A 261 16.20 -4.88 15.30
CA LEU A 261 16.88 -5.48 14.15
C LEU A 261 18.16 -6.23 14.59
N GLN A 262 18.85 -5.68 15.58
CA GLN A 262 19.99 -6.40 16.13
C GLN A 262 19.56 -7.68 16.83
N GLN A 263 18.47 -7.62 17.60
CA GLN A 263 17.90 -8.83 18.21
C GLN A 263 17.58 -9.90 17.16
N LEU A 264 17.06 -9.48 16.01
CA LEU A 264 16.68 -10.44 14.96
C LEU A 264 17.93 -11.15 14.43
N ASP A 265 19.05 -10.43 14.40
CA ASP A 265 20.27 -10.95 13.81
C ASP A 265 21.02 -11.89 14.74
N SER A 266 20.70 -11.84 16.03
CA SER A 266 21.56 -12.45 17.05
C SER A 266 20.82 -13.31 18.08
N LYS A 267 19.48 -13.28 18.06
CA LYS A 267 18.69 -13.89 19.12
C LYS A 267 17.52 -14.72 18.60
N ASP A 268 16.93 -15.54 19.46
CA ASP A 268 15.84 -16.42 19.09
C ASP A 268 14.48 -15.74 19.27
N SER A 269 14.51 -14.54 19.81
CA SER A 269 13.27 -13.83 20.10
C SER A 269 13.46 -12.33 19.91
N VAL A 270 12.35 -11.61 19.87
CA VAL A 270 12.38 -10.17 19.66
C VAL A 270 11.45 -9.52 20.68
N ASP A 271 11.85 -8.37 21.22
CA ASP A 271 11.13 -7.76 22.34
C ASP A 271 10.84 -6.29 22.05
N ILE A 272 9.85 -6.04 21.19
CA ILE A 272 9.47 -4.67 20.86
C ILE A 272 8.95 -3.91 22.09
N TYR A 273 8.05 -4.55 22.82
CA TYR A 273 7.52 -3.94 24.05
C TYR A 273 8.64 -3.54 25.01
N GLY A 274 9.56 -4.47 25.25
CA GLY A 274 10.68 -4.23 26.16
C GLY A 274 11.57 -3.08 25.70
N ALA A 275 11.80 -2.99 24.40
CA ALA A 275 12.60 -1.87 23.86
C ALA A 275 11.92 -0.53 24.13
N VAL A 276 10.63 -0.45 23.81
CA VAL A 276 9.91 0.79 24.00
C VAL A 276 9.75 1.11 25.48
N HIS A 277 9.49 0.09 26.29
CA HIS A 277 9.54 0.26 27.76
C HIS A 277 10.84 0.93 28.22
N ASP A 278 11.97 0.39 27.78
CA ASP A 278 13.26 0.88 28.25
C ASP A 278 13.48 2.32 27.78
N LEU A 279 13.09 2.62 26.54
CA LEU A 279 13.15 3.99 26.06
C LEU A 279 12.33 4.95 26.94
N ARG A 280 11.09 4.55 27.25
CA ARG A 280 10.19 5.39 28.03
C ARG A 280 10.73 5.64 29.44
N LEU A 281 11.47 4.67 30.00
CA LEU A 281 12.08 4.89 31.31
C LEU A 281 13.02 6.09 31.27
N HIS A 282 13.60 6.34 30.10
CA HIS A 282 14.68 7.33 29.96
C HIS A 282 14.28 8.68 29.38
N ARG A 283 13.18 8.72 28.64
CA ARG A 283 12.66 9.99 28.11
C ARG A 283 11.17 9.86 27.79
N VAL A 284 10.44 10.96 27.97
CA VAL A 284 8.98 10.95 27.81
C VAL A 284 8.62 10.68 26.34
N HIS A 285 7.46 10.05 26.13
CA HIS A 285 6.82 9.95 24.81
C HIS A 285 7.57 9.16 23.74
N MET A 286 8.63 8.45 24.10
CA MET A 286 9.42 7.74 23.08
C MET A 286 8.54 6.73 22.33
N VAL A 287 8.58 6.83 21.00
CA VAL A 287 7.58 6.20 20.11
C VAL A 287 6.19 6.80 20.38
N GLN A 288 5.87 7.89 19.68
CA GLN A 288 4.97 8.91 20.21
C GLN A 288 3.52 8.71 19.72
N THR A 289 3.35 7.88 18.70
CA THR A 289 2.02 7.56 18.19
C THR A 289 1.83 6.05 18.08
N GLU A 290 0.58 5.61 18.17
CA GLU A 290 0.30 4.19 18.06
C GLU A 290 0.75 3.66 16.70
N CYS A 291 0.60 4.46 15.65
CA CYS A 291 0.98 4.00 14.31
C CYS A 291 2.48 3.72 14.22
N GLN A 292 3.27 4.47 14.99
CA GLN A 292 4.70 4.17 15.08
C GLN A 292 4.96 2.80 15.72
N TYR A 293 4.19 2.49 16.77
CA TYR A 293 4.30 1.19 17.44
C TYR A 293 3.90 0.05 16.50
N VAL A 294 2.80 0.26 15.78
CA VAL A 294 2.41 -0.68 14.73
C VAL A 294 3.54 -0.87 13.71
N TYR A 295 4.11 0.23 13.25
CA TYR A 295 5.16 0.20 12.22
C TYR A 295 6.37 -0.64 12.65
N LEU A 296 6.77 -0.53 13.91
CA LEU A 296 7.84 -1.38 14.45
C LEU A 296 7.52 -2.85 14.26
N HIS A 297 6.27 -3.21 14.55
CA HIS A 297 5.83 -4.59 14.35
C HIS A 297 5.83 -5.00 12.88
N GLN A 298 5.38 -4.10 12.01
CA GLN A 298 5.38 -4.37 10.57
C GLN A 298 6.79 -4.57 10.04
N CYS A 299 7.73 -3.78 10.57
CA CYS A 299 9.13 -3.92 10.17
C CYS A 299 9.66 -5.31 10.49
N VAL A 300 9.44 -5.75 11.73
CA VAL A 300 9.91 -7.06 12.17
C VAL A 300 9.22 -8.17 11.37
N ARG A 301 7.92 -8.00 11.14
CA ARG A 301 7.16 -8.98 10.38
C ARG A 301 7.74 -9.11 8.97
N ASP A 302 8.04 -7.97 8.35
CA ASP A 302 8.54 -7.95 6.97
C ASP A 302 9.95 -8.52 6.86
N VAL A 303 10.82 -8.23 7.82
CA VAL A 303 12.14 -8.84 7.85
C VAL A 303 12.04 -10.36 7.98
N LEU A 304 11.14 -10.83 8.84
CA LEU A 304 11.00 -12.27 9.11
C LEU A 304 10.38 -13.00 7.93
N ARG A 305 9.45 -12.34 7.23
CA ARG A 305 8.87 -12.92 6.01
C ARG A 305 9.93 -13.13 4.94
N ALA A 306 10.84 -12.16 4.82
CA ALA A 306 11.89 -12.23 3.80
C ALA A 306 12.90 -13.32 4.13
N ARG A 307 13.11 -13.56 5.42
CA ARG A 307 14.12 -14.50 5.89
C ARG A 307 13.66 -15.94 5.77
N LYS B 18 7.63 -9.18 -14.07
CA LYS B 18 6.61 -8.19 -13.62
C LYS B 18 5.20 -8.77 -13.76
N THR B 19 4.59 -9.12 -12.62
CA THR B 19 3.23 -9.66 -12.62
C THR B 19 2.26 -8.73 -11.89
N SER B 20 2.79 -7.63 -11.34
CA SER B 20 2.07 -6.82 -10.38
C SER B 20 2.75 -5.46 -10.30
N CYS B 21 1.96 -4.39 -10.21
CA CYS B 21 2.52 -3.07 -10.01
C CYS B 21 1.64 -2.22 -9.12
N PRO B 22 1.67 -2.48 -7.80
CA PRO B 22 0.74 -1.88 -6.86
C PRO B 22 1.14 -0.44 -6.56
N ILE B 23 0.17 0.46 -6.60
CA ILE B 23 0.42 1.88 -6.39
C ILE B 23 -0.27 2.32 -5.10
N LYS B 24 0.49 2.95 -4.22
CA LYS B 24 -0.08 3.55 -3.02
C LYS B 24 -1.19 4.52 -3.39
N ILE B 25 -2.35 4.35 -2.75
CA ILE B 25 -3.50 5.19 -3.06
C ILE B 25 -3.17 6.68 -2.86
N ASN B 26 -2.40 6.98 -1.83
CA ASN B 26 -2.01 8.36 -1.56
C ASN B 26 -0.93 8.85 -2.51
N GLN B 27 -0.48 7.96 -3.40
CA GLN B 27 0.55 8.27 -4.37
C GLN B 27 0.02 8.28 -5.80
N PHE B 28 -1.25 7.88 -5.96
CA PHE B 28 -1.75 7.50 -7.27
C PHE B 28 -1.78 8.62 -8.30
N GLU B 29 -2.27 9.80 -7.92
CA GLU B 29 -2.35 10.91 -8.86
C GLU B 29 -0.99 11.22 -9.47
N GLY B 30 0.03 11.36 -8.62
CA GLY B 30 1.41 11.53 -9.07
C GLY B 30 1.87 10.43 -10.00
N HIS B 31 1.67 9.18 -9.57
CA HIS B 31 1.98 8.01 -10.40
C HIS B 31 1.33 8.08 -11.78
N PHE B 32 0.05 8.42 -11.81
CA PHE B 32 -0.68 8.51 -13.07
C PHE B 32 -0.18 9.66 -13.96
N MET B 33 0.21 10.77 -13.35
CA MET B 33 0.86 11.85 -14.10
C MET B 33 2.15 11.39 -14.79
N LYS B 34 3.01 10.68 -14.06
CA LYS B 34 4.20 10.08 -14.65
C LYS B 34 3.91 9.17 -15.85
N LEU B 35 2.87 8.35 -15.74
CA LEU B 35 2.55 7.38 -16.78
C LEU B 35 2.06 8.07 -18.04
N GLN B 36 1.46 9.25 -17.86
CA GLN B 36 0.87 9.99 -18.96
C GLN B 36 1.87 10.92 -19.63
N ALA B 37 2.99 11.16 -18.94
CA ALA B 37 4.04 12.03 -19.47
C ALA B 37 4.55 11.55 -20.83
N ASP B 38 5.01 12.50 -21.65
CA ASP B 38 5.50 12.18 -22.99
C ASP B 38 4.46 11.43 -23.82
N SER B 39 3.21 11.91 -23.76
CA SER B 39 2.12 11.27 -24.47
C SER B 39 2.02 9.78 -24.11
N ASN B 40 1.76 9.51 -22.84
CA ASN B 40 1.42 8.16 -22.39
C ASN B 40 2.54 7.16 -22.65
N TYR B 41 3.77 7.66 -22.72
CA TYR B 41 4.92 6.84 -23.09
C TYR B 41 5.01 5.60 -22.21
N LEU B 42 5.06 5.82 -20.90
CA LEU B 42 5.30 4.73 -19.95
C LEU B 42 4.07 3.84 -19.77
N LEU B 43 2.88 4.44 -19.84
CA LEU B 43 1.64 3.67 -19.84
C LEU B 43 1.61 2.72 -21.03
N SER B 44 1.89 3.27 -22.22
CA SER B 44 2.02 2.47 -23.43
C SER B 44 3.00 1.31 -23.24
N LYS B 45 4.10 1.59 -22.55
CA LYS B 45 5.15 0.61 -22.37
C LYS B 45 4.65 -0.57 -21.54
N GLU B 46 3.94 -0.28 -20.46
CA GLU B 46 3.45 -1.35 -19.59
C GLU B 46 2.22 -2.09 -20.12
N TYR B 47 1.40 -1.40 -20.93
CA TYR B 47 0.32 -2.08 -21.65
C TYR B 47 0.89 -3.05 -22.69
N GLU B 48 1.97 -2.64 -23.35
CA GLU B 48 2.69 -3.55 -24.24
C GLU B 48 3.25 -4.73 -23.48
N GLU B 49 3.75 -4.48 -22.28
CA GLU B 49 4.29 -5.55 -21.44
C GLU B 49 3.26 -6.65 -21.22
N LEU B 50 2.00 -6.26 -21.05
CA LEU B 50 0.94 -7.20 -20.73
C LEU B 50 0.59 -8.01 -21.98
N LYS B 51 1.18 -7.58 -23.10
CA LYS B 51 0.89 -8.13 -24.42
C LYS B 51 1.09 -9.64 -24.44
N ASP B 52 2.12 -10.11 -23.76
CA ASP B 52 2.57 -11.49 -23.92
C ASP B 52 2.02 -12.42 -22.84
N VAL B 53 1.30 -11.86 -21.87
CA VAL B 53 0.87 -12.63 -20.71
C VAL B 53 -0.13 -13.71 -21.13
N GLY B 54 0.12 -14.95 -20.72
CA GLY B 54 -0.81 -16.06 -20.95
C GLY B 54 -0.67 -16.72 -22.31
N ARG B 55 0.22 -16.20 -23.16
CA ARG B 55 0.19 -16.57 -24.57
CA ARG B 55 0.26 -16.53 -24.59
C ARG B 55 0.90 -17.89 -24.87
N ASN B 56 1.38 -18.55 -23.82
CA ASN B 56 1.94 -19.88 -23.95
C ASN B 56 0.85 -20.97 -24.02
N GLN B 57 -0.40 -20.57 -23.84
CA GLN B 57 -1.48 -21.54 -23.59
C GLN B 57 -2.28 -21.89 -24.85
N SER B 58 -2.65 -23.16 -24.98
CA SER B 58 -3.32 -23.66 -26.18
C SER B 58 -4.83 -23.42 -26.13
N CYS B 59 -5.47 -23.44 -27.29
CA CYS B 59 -6.94 -23.43 -27.38
CA CYS B 59 -6.93 -23.43 -27.38
C CYS B 59 -7.42 -24.56 -28.29
N ASP B 60 -6.89 -25.76 -28.08
CA ASP B 60 -7.15 -26.90 -28.96
C ASP B 60 -8.61 -27.29 -29.00
N ILE B 61 -9.27 -27.28 -27.85
CA ILE B 61 -10.65 -27.75 -27.79
C ILE B 61 -11.55 -26.82 -28.61
N ALA B 62 -11.34 -25.52 -28.45
CA ALA B 62 -12.15 -24.52 -29.16
C ALA B 62 -12.01 -24.67 -30.68
N LEU B 63 -10.89 -25.26 -31.10
CA LEU B 63 -10.56 -25.40 -32.54
C LEU B 63 -11.02 -26.71 -33.16
N LEU B 64 -11.57 -27.62 -32.35
CA LEU B 64 -12.08 -28.89 -32.88
C LEU B 64 -13.18 -28.62 -33.91
N PRO B 65 -13.19 -29.41 -35.01
CA PRO B 65 -14.18 -29.20 -36.07
C PRO B 65 -15.61 -29.10 -35.55
N GLU B 66 -15.96 -29.95 -34.58
CA GLU B 66 -17.31 -29.99 -34.06
C GLU B 66 -17.70 -28.72 -33.30
N ASN B 67 -16.70 -27.92 -32.95
CA ASN B 67 -16.96 -26.71 -32.18
C ASN B 67 -16.93 -25.45 -33.06
N ARG B 68 -16.72 -25.62 -34.35
CA ARG B 68 -16.47 -24.49 -35.24
C ARG B 68 -17.55 -23.41 -35.15
N GLY B 69 -18.81 -23.84 -35.23
CA GLY B 69 -19.95 -22.92 -35.28
C GLY B 69 -20.30 -22.34 -33.91
N LYS B 70 -19.56 -22.73 -32.89
CA LYS B 70 -19.86 -22.34 -31.52
C LYS B 70 -19.07 -21.11 -31.09
N ASN B 71 -18.20 -20.63 -31.97
CA ASN B 71 -17.41 -19.43 -31.71
C ASN B 71 -17.86 -18.26 -32.56
N ARG B 72 -18.10 -17.12 -31.93
CA ARG B 72 -18.57 -15.93 -32.64
C ARG B 72 -17.46 -15.36 -33.52
N TYR B 73 -16.25 -15.37 -32.97
CA TYR B 73 -15.04 -14.93 -33.68
C TYR B 73 -14.03 -16.06 -33.72
N ASN B 74 -13.55 -16.36 -34.92
CA ASN B 74 -12.67 -17.51 -35.14
C ASN B 74 -11.36 -17.35 -34.36
N ASN B 75 -11.00 -16.10 -34.06
CA ASN B 75 -9.75 -15.82 -33.40
C ASN B 75 -9.88 -15.37 -31.95
N ILE B 76 -11.06 -15.55 -31.36
CA ILE B 76 -11.23 -15.27 -29.94
C ILE B 76 -11.78 -16.52 -29.26
N LEU B 77 -10.88 -17.30 -28.68
CA LEU B 77 -11.18 -18.65 -28.19
C LEU B 77 -10.64 -18.78 -26.77
N PRO B 78 -11.32 -19.57 -25.94
CA PRO B 78 -10.87 -19.79 -24.57
C PRO B 78 -9.62 -20.66 -24.58
N TYR B 79 -8.71 -20.42 -23.63
CA TYR B 79 -7.62 -21.36 -23.35
C TYR B 79 -8.18 -22.68 -22.81
N ASP B 80 -7.60 -23.78 -23.25
CA ASP B 80 -8.00 -25.09 -22.73
C ASP B 80 -7.94 -25.12 -21.21
N ALA B 81 -6.92 -24.46 -20.65
CA ALA B 81 -6.62 -24.56 -19.22
C ALA B 81 -7.69 -23.94 -18.33
N THR B 82 -8.47 -23.02 -18.87
CA THR B 82 -9.36 -22.20 -18.04
C THR B 82 -10.79 -22.14 -18.56
N ARG B 83 -11.08 -22.93 -19.59
CA ARG B 83 -12.43 -22.93 -20.19
C ARG B 83 -13.48 -23.48 -19.22
N VAL B 84 -14.71 -23.00 -19.36
CA VAL B 84 -15.85 -23.56 -18.65
C VAL B 84 -16.42 -24.75 -19.42
N LYS B 85 -16.58 -25.88 -18.73
CA LYS B 85 -17.12 -27.09 -19.36
C LYS B 85 -18.60 -27.26 -19.03
N LEU B 86 -19.39 -27.56 -20.06
CA LEU B 86 -20.76 -28.02 -19.84
C LEU B 86 -20.76 -29.49 -19.40
N SER B 87 -21.73 -29.87 -18.57
CA SER B 87 -21.90 -31.27 -18.21
C SER B 87 -22.05 -32.12 -19.47
N ASN B 88 -21.37 -33.27 -19.48
CA ASN B 88 -20.95 -33.90 -20.72
C ASN B 88 -22.02 -34.85 -21.28
N CYS B 94 -17.86 -33.46 -27.85
CA CYS B 94 -17.72 -32.01 -27.99
C CYS B 94 -18.90 -31.26 -27.38
N SER B 95 -19.81 -32.02 -26.79
CA SER B 95 -20.97 -31.42 -26.13
C SER B 95 -20.59 -30.61 -24.91
N ASP B 96 -19.35 -30.75 -24.44
CA ASP B 96 -18.93 -30.00 -23.25
C ASP B 96 -18.50 -28.55 -23.54
N TYR B 97 -18.53 -28.15 -24.81
CA TYR B 97 -17.88 -26.90 -25.20
C TYR B 97 -18.78 -25.67 -25.19
N ILE B 98 -18.29 -24.64 -24.53
CA ILE B 98 -18.80 -23.28 -24.69
C ILE B 98 -17.63 -22.29 -24.69
N ASN B 99 -17.77 -21.24 -25.48
CA ASN B 99 -16.73 -20.20 -25.50
C ASN B 99 -16.87 -19.33 -24.26
N ALA B 100 -16.25 -19.82 -23.18
CA ALA B 100 -16.33 -19.17 -21.87
C ALA B 100 -15.14 -19.59 -21.03
N SER B 101 -14.78 -18.73 -20.07
CA SER B 101 -13.53 -18.92 -19.31
C SER B 101 -13.80 -18.52 -17.86
N TYR B 102 -13.22 -19.26 -16.92
CA TYR B 102 -13.22 -18.83 -15.51
C TYR B 102 -12.17 -17.76 -15.25
N ILE B 103 -12.54 -16.72 -14.49
CA ILE B 103 -11.63 -15.63 -14.14
C ILE B 103 -11.63 -15.39 -12.63
N PRO B 104 -10.44 -15.39 -12.00
CA PRO B 104 -10.34 -14.99 -10.59
C PRO B 104 -10.66 -13.52 -10.33
N GLY B 105 -11.17 -13.22 -9.15
CA GLY B 105 -11.35 -11.84 -8.70
C GLY B 105 -10.58 -11.54 -7.42
N ASN B 106 -10.95 -10.45 -6.76
CA ASN B 106 -10.34 -10.08 -5.48
C ASN B 106 -10.48 -11.18 -4.43
N ASN B 107 -11.53 -11.97 -4.57
CA ASN B 107 -12.12 -12.68 -3.45
C ASN B 107 -12.01 -14.20 -3.55
N PHE B 108 -12.15 -14.72 -4.77
CA PHE B 108 -12.03 -16.15 -4.99
C PHE B 108 -11.67 -16.45 -6.45
N ARG B 109 -11.29 -17.70 -6.73
CA ARG B 109 -10.65 -18.02 -8.00
C ARG B 109 -11.59 -18.21 -9.19
N ARG B 110 -12.82 -18.60 -8.92
CA ARG B 110 -13.82 -18.67 -9.99
C ARG B 110 -14.89 -17.61 -9.76
N GLU B 111 -14.43 -16.37 -9.64
CA GLU B 111 -15.31 -15.29 -9.21
C GLU B 111 -16.18 -14.83 -10.38
N TYR B 112 -15.63 -14.90 -11.58
CA TYR B 112 -16.40 -14.58 -12.79
C TYR B 112 -16.35 -15.71 -13.81
N ILE B 113 -17.40 -15.81 -14.62
CA ILE B 113 -17.30 -16.50 -15.90
C ILE B 113 -17.43 -15.45 -16.99
N VAL B 114 -16.44 -15.40 -17.87
CA VAL B 114 -16.48 -14.48 -19.00
CA VAL B 114 -16.54 -14.49 -19.00
C VAL B 114 -16.82 -15.28 -20.27
N THR B 115 -17.65 -14.71 -21.12
CA THR B 115 -18.08 -15.45 -22.29
C THR B 115 -18.32 -14.48 -23.44
N GLN B 116 -18.40 -15.02 -24.66
CA GLN B 116 -18.75 -14.22 -25.82
C GLN B 116 -20.26 -13.91 -25.75
N GLY B 117 -20.71 -12.96 -26.56
CA GLY B 117 -22.15 -12.76 -26.72
C GLY B 117 -22.75 -13.99 -27.36
N PRO B 118 -23.73 -14.63 -26.69
CA PRO B 118 -24.33 -15.85 -27.21
C PRO B 118 -24.76 -15.74 -28.67
N LEU B 119 -24.55 -16.82 -29.42
CA LEU B 119 -25.04 -16.92 -30.82
C LEU B 119 -26.42 -17.56 -30.81
N PRO B 120 -27.19 -17.38 -31.89
CA PRO B 120 -28.49 -18.06 -31.97
C PRO B 120 -28.35 -19.56 -31.66
N GLY B 121 -27.31 -20.19 -32.18
CA GLY B 121 -27.10 -21.61 -31.97
C GLY B 121 -26.36 -22.00 -30.70
N THR B 122 -25.93 -21.01 -29.92
CA THR B 122 -25.29 -21.33 -28.63
C THR B 122 -26.02 -20.82 -27.40
N LYS B 123 -27.13 -20.11 -27.57
CA LYS B 123 -27.77 -19.53 -26.41
C LYS B 123 -28.36 -20.59 -25.46
N ASP B 124 -28.72 -21.75 -26.00
CA ASP B 124 -29.13 -22.85 -25.15
C ASP B 124 -27.95 -23.32 -24.28
N ASP B 125 -26.75 -23.40 -24.87
CA ASP B 125 -25.52 -23.71 -24.10
C ASP B 125 -25.24 -22.67 -23.01
N PHE B 126 -25.38 -21.39 -23.36
CA PHE B 126 -25.25 -20.30 -22.39
C PHE B 126 -26.16 -20.50 -21.17
N TRP B 127 -27.45 -20.73 -21.39
CA TRP B 127 -28.34 -20.86 -20.26
C TRP B 127 -28.05 -22.14 -19.46
N LYS B 128 -27.64 -23.19 -20.15
CA LYS B 128 -27.23 -24.42 -19.48
C LYS B 128 -26.06 -24.17 -18.54
N MET B 129 -25.07 -23.42 -19.02
CA MET B 129 -23.96 -22.97 -18.17
C MET B 129 -24.43 -22.18 -16.94
N VAL B 130 -25.30 -21.20 -17.17
CA VAL B 130 -25.85 -20.38 -16.10
C VAL B 130 -26.53 -21.28 -15.04
N TRP B 131 -27.31 -22.24 -15.51
CA TRP B 131 -27.97 -23.21 -14.63
C TRP B 131 -26.95 -24.04 -13.84
N GLU B 132 -26.06 -24.72 -14.55
CA GLU B 132 -25.11 -25.67 -13.95
C GLU B 132 -24.10 -25.02 -13.01
N GLN B 133 -23.73 -23.78 -13.31
CA GLN B 133 -22.76 -23.04 -12.50
C GLN B 133 -23.40 -22.24 -11.37
N ASN B 134 -24.71 -22.41 -11.15
CA ASN B 134 -25.43 -21.70 -10.10
C ASN B 134 -25.28 -20.17 -10.19
N VAL B 135 -25.31 -19.65 -11.40
CA VAL B 135 -25.14 -18.22 -11.62
C VAL B 135 -26.44 -17.50 -11.21
N HIS B 136 -26.30 -16.43 -10.43
CA HIS B 136 -27.44 -15.56 -10.05
C HIS B 136 -27.39 -14.19 -10.75
N ASN B 137 -26.21 -13.79 -11.22
CA ASN B 137 -26.02 -12.45 -11.79
C ASN B 137 -25.31 -12.49 -13.13
N ILE B 138 -25.90 -11.83 -14.13
CA ILE B 138 -25.30 -11.72 -15.46
C ILE B 138 -25.09 -10.25 -15.81
N VAL B 139 -23.89 -9.92 -16.25
CA VAL B 139 -23.55 -8.55 -16.67
C VAL B 139 -23.29 -8.55 -18.17
N MET B 140 -23.98 -7.66 -18.88
CA MET B 140 -23.84 -7.55 -20.32
C MET B 140 -23.40 -6.13 -20.67
N VAL B 141 -22.25 -5.99 -21.33
CA VAL B 141 -21.73 -4.65 -21.59
C VAL B 141 -21.55 -4.36 -23.07
N THR B 142 -22.37 -5.02 -23.89
CA THR B 142 -22.51 -4.67 -25.32
C THR B 142 -23.97 -4.43 -25.62
N GLN B 143 -24.25 -3.73 -26.71
CA GLN B 143 -25.56 -3.82 -27.33
C GLN B 143 -25.57 -4.97 -28.34
N CYS B 144 -26.76 -5.46 -28.67
CA CYS B 144 -26.89 -6.58 -29.59
C CYS B 144 -26.45 -6.21 -31.00
N VAL B 145 -26.77 -4.98 -31.39
CA VAL B 145 -26.32 -4.42 -32.67
C VAL B 145 -25.70 -3.05 -32.40
N GLU B 146 -24.53 -2.81 -32.99
CA GLU B 146 -23.85 -1.53 -32.84
C GLU B 146 -23.36 -1.02 -34.18
N LYS B 147 -23.68 0.23 -34.50
CA LYS B 147 -23.37 0.82 -35.81
C LYS B 147 -23.72 -0.14 -36.95
N GLY B 148 -24.85 -0.82 -36.81
CA GLY B 148 -25.35 -1.71 -37.86
C GLY B 148 -24.77 -3.11 -37.91
N ARG B 149 -23.80 -3.39 -37.03
CA ARG B 149 -23.10 -4.68 -37.03
C ARG B 149 -23.54 -5.51 -35.83
N VAL B 150 -23.87 -6.78 -36.07
CA VAL B 150 -24.31 -7.67 -35.00
CA VAL B 150 -24.30 -7.71 -35.01
C VAL B 150 -23.17 -7.97 -34.02
N LYS B 151 -23.47 -7.82 -32.74
CA LYS B 151 -22.49 -8.04 -31.68
C LYS B 151 -22.90 -9.21 -30.78
N CYS B 152 -24.21 -9.41 -30.64
CA CYS B 152 -24.71 -10.40 -29.69
C CYS B 152 -26.14 -10.76 -30.07
N ASP B 153 -26.47 -12.05 -30.01
CA ASP B 153 -27.87 -12.43 -30.20
C ASP B 153 -28.73 -11.90 -29.06
N HIS B 154 -29.98 -11.58 -29.36
CA HIS B 154 -30.93 -11.34 -28.30
C HIS B 154 -31.31 -12.69 -27.71
N TYR B 155 -30.81 -12.99 -26.51
CA TYR B 155 -30.86 -14.36 -26.00
C TYR B 155 -31.78 -14.55 -24.80
N TRP B 156 -32.66 -13.57 -24.52
CA TRP B 156 -33.61 -13.68 -23.42
C TRP B 156 -35.06 -13.45 -23.87
N PRO B 157 -36.05 -13.91 -23.10
CA PRO B 157 -37.43 -13.61 -23.46
C PRO B 157 -37.74 -12.14 -23.20
N ALA B 158 -38.36 -11.50 -24.19
CA ALA B 158 -38.18 -10.07 -24.40
C ALA B 158 -39.25 -9.26 -23.68
N ASP B 159 -40.48 -9.77 -23.73
CA ASP B 159 -41.55 -9.21 -22.92
C ASP B 159 -41.68 -9.99 -21.63
N GLN B 160 -42.73 -9.71 -20.87
CA GLN B 160 -43.05 -10.48 -19.68
C GLN B 160 -43.49 -11.89 -20.05
N ASP B 161 -42.69 -12.55 -20.88
CA ASP B 161 -43.07 -13.85 -21.39
C ASP B 161 -42.05 -14.93 -21.10
N SER B 162 -42.27 -16.11 -21.68
CA SER B 162 -41.46 -17.28 -21.38
C SER B 162 -41.03 -17.94 -22.69
N LEU B 163 -39.87 -18.58 -22.66
CA LEU B 163 -39.39 -19.38 -23.78
C LEU B 163 -38.55 -20.52 -23.24
N TYR B 164 -38.53 -21.64 -23.98
CA TYR B 164 -37.58 -22.71 -23.74
C TYR B 164 -36.20 -22.37 -24.29
N TYR B 165 -35.18 -22.68 -23.50
CA TYR B 165 -33.82 -22.79 -24.02
C TYR B 165 -33.26 -24.14 -23.66
N GLY B 166 -33.22 -25.03 -24.66
CA GLY B 166 -32.89 -26.43 -24.40
C GLY B 166 -33.88 -27.06 -23.45
N ASP B 167 -33.37 -27.57 -22.33
CA ASP B 167 -34.21 -28.21 -21.33
C ASP B 167 -34.67 -27.25 -20.23
N LEU B 168 -34.32 -25.98 -20.36
CA LEU B 168 -34.68 -24.98 -19.36
C LEU B 168 -35.79 -24.10 -19.91
N ILE B 169 -36.63 -23.59 -19.01
CA ILE B 169 -37.55 -22.50 -19.37
CA ILE B 169 -37.58 -22.52 -19.33
C ILE B 169 -37.15 -21.21 -18.66
N LEU B 170 -37.14 -20.12 -19.41
CA LEU B 170 -36.79 -18.80 -18.89
C LEU B 170 -38.03 -17.93 -18.96
N GLN B 171 -38.25 -17.15 -17.91
CA GLN B 171 -39.38 -16.25 -17.89
C GLN B 171 -38.93 -14.87 -17.40
N MET B 172 -39.28 -13.82 -18.14
CA MET B 172 -38.98 -12.49 -17.65
C MET B 172 -39.98 -12.06 -16.59
N LEU B 173 -39.46 -11.61 -15.45
CA LEU B 173 -40.29 -11.14 -14.35
C LEU B 173 -40.38 -9.62 -14.31
N SER B 174 -39.30 -8.94 -14.69
CA SER B 174 -39.28 -7.48 -14.66
C SER B 174 -38.20 -6.90 -15.55
N GLU B 175 -38.41 -5.66 -15.98
CA GLU B 175 -37.40 -4.94 -16.75
C GLU B 175 -37.47 -3.48 -16.40
N SER B 176 -36.35 -2.94 -15.91
CA SER B 176 -36.27 -1.52 -15.52
C SER B 176 -35.21 -0.81 -16.35
N VAL B 177 -35.67 0.16 -17.14
CA VAL B 177 -34.82 0.77 -18.15
C VAL B 177 -34.38 2.14 -17.65
N LEU B 178 -33.11 2.27 -17.30
CA LEU B 178 -32.53 3.58 -16.99
C LEU B 178 -31.72 4.11 -18.17
N PRO B 179 -31.27 5.37 -18.07
CA PRO B 179 -30.66 6.04 -19.22
C PRO B 179 -29.46 5.28 -19.77
N GLU B 180 -28.68 4.65 -18.90
CA GLU B 180 -27.40 4.08 -19.31
C GLU B 180 -27.29 2.58 -19.05
N TRP B 181 -28.25 2.03 -18.32
CA TRP B 181 -28.35 0.60 -18.16
C TRP B 181 -29.77 0.12 -17.86
N THR B 182 -30.00 -1.16 -18.12
CA THR B 182 -31.29 -1.79 -17.87
C THR B 182 -31.06 -2.99 -16.97
N ILE B 183 -31.92 -3.15 -15.97
CA ILE B 183 -31.85 -4.30 -15.07
C ILE B 183 -33.09 -5.16 -15.29
N ARG B 184 -32.87 -6.44 -15.61
CA ARG B 184 -33.96 -7.36 -15.82
C ARG B 184 -33.87 -8.47 -14.78
N GLU B 185 -35.02 -9.05 -14.43
CA GLU B 185 -35.05 -10.23 -13.57
C GLU B 185 -35.71 -11.37 -14.32
N PHE B 186 -35.10 -12.54 -14.25
CA PHE B 186 -35.66 -13.74 -14.86
C PHE B 186 -35.87 -14.83 -13.82
N LYS B 187 -36.89 -15.66 -14.05
CA LYS B 187 -36.97 -16.95 -13.39
C LYS B 187 -36.55 -18.05 -14.37
N ILE B 188 -35.71 -18.95 -13.88
CA ILE B 188 -35.27 -20.09 -14.68
C ILE B 188 -35.70 -21.38 -13.99
N CYS B 189 -36.32 -22.26 -14.76
CA CYS B 189 -36.82 -23.55 -14.27
C CYS B 189 -36.07 -24.68 -14.96
N GLY B 190 -35.58 -25.64 -14.19
CA GLY B 190 -34.95 -26.84 -14.73
C GLY B 190 -35.44 -28.09 -14.02
N HIS B 197 -36.72 -23.39 -9.82
CA HIS B 197 -36.87 -21.94 -9.91
C HIS B 197 -35.72 -21.22 -9.21
N ARG B 198 -34.89 -20.56 -9.99
CA ARG B 198 -33.93 -19.61 -9.44
C ARG B 198 -34.24 -18.23 -10.03
N LEU B 199 -33.92 -17.18 -9.28
CA LEU B 199 -34.01 -15.80 -9.77
C LEU B 199 -32.65 -15.38 -10.31
N ILE B 200 -32.63 -14.90 -11.55
CA ILE B 200 -31.41 -14.37 -12.18
C ILE B 200 -31.60 -12.86 -12.36
N ARG B 201 -30.60 -12.08 -11.99
CA ARG B 201 -30.60 -10.67 -12.33
C ARG B 201 -29.63 -10.41 -13.47
N HIS B 202 -30.06 -9.58 -14.40
CA HIS B 202 -29.32 -9.30 -15.63
C HIS B 202 -29.08 -7.78 -15.68
N PHE B 203 -27.82 -7.40 -15.78
CA PHE B 203 -27.42 -5.99 -15.71
C PHE B 203 -26.84 -5.58 -17.05
N HIS B 204 -27.61 -4.80 -17.80
CA HIS B 204 -27.27 -4.50 -19.19
C HIS B 204 -26.81 -3.04 -19.33
N TYR B 205 -25.52 -2.82 -19.52
CA TYR B 205 -24.98 -1.48 -19.71
C TYR B 205 -25.02 -1.17 -21.20
N THR B 206 -25.69 -0.08 -21.58
CA THR B 206 -26.12 0.08 -22.98
C THR B 206 -25.40 1.21 -23.75
N VAL B 207 -24.42 1.83 -23.12
CA VAL B 207 -23.77 3.00 -23.70
C VAL B 207 -22.24 2.86 -23.76
N TRP B 208 -21.77 1.62 -23.93
CA TRP B 208 -20.32 1.33 -24.03
C TRP B 208 -19.95 0.93 -25.45
N PRO B 209 -19.33 1.86 -26.21
CA PRO B 209 -18.94 1.56 -27.59
C PRO B 209 -17.90 0.46 -27.68
N ASP B 210 -18.07 -0.46 -28.63
CA ASP B 210 -17.09 -1.50 -28.89
C ASP B 210 -15.68 -0.94 -29.17
N HIS B 211 -14.67 -1.61 -28.61
CA HIS B 211 -13.28 -1.17 -28.74
C HIS B 211 -13.03 0.21 -28.15
N GLY B 212 -13.98 0.71 -27.36
CA GLY B 212 -13.87 2.04 -26.82
C GLY B 212 -14.14 2.10 -25.33
N VAL B 213 -14.43 3.30 -24.84
CA VAL B 213 -14.73 3.52 -23.44
C VAL B 213 -16.02 4.34 -23.34
N PRO B 214 -16.74 4.23 -22.22
CA PRO B 214 -17.86 5.14 -21.97
C PRO B 214 -17.43 6.60 -21.94
N GLU B 215 -18.39 7.50 -22.10
CA GLU B 215 -18.10 8.90 -22.30
C GLU B 215 -17.59 9.53 -21.00
N THR B 216 -17.97 8.96 -19.86
CA THR B 216 -17.49 9.43 -18.56
C THR B 216 -16.96 8.26 -17.73
N THR B 217 -16.14 8.57 -16.74
CA THR B 217 -15.81 7.59 -15.72
C THR B 217 -16.98 7.34 -14.77
N GLN B 218 -17.72 8.40 -14.45
CA GLN B 218 -18.79 8.30 -13.47
C GLN B 218 -19.82 7.22 -13.80
N SER B 219 -20.18 7.11 -15.07
CA SER B 219 -21.25 6.24 -15.49
CA SER B 219 -21.25 6.22 -15.48
C SER B 219 -20.92 4.77 -15.15
N LEU B 220 -19.74 4.33 -15.57
CA LEU B 220 -19.37 2.94 -15.40
C LEU B 220 -19.03 2.64 -13.95
N ILE B 221 -18.38 3.59 -13.29
CA ILE B 221 -18.17 3.45 -11.85
C ILE B 221 -19.47 3.20 -11.09
N GLN B 222 -20.52 3.97 -11.41
CA GLN B 222 -21.80 3.80 -10.75
C GLN B 222 -22.40 2.45 -11.10
N PHE B 223 -22.28 2.06 -12.38
CA PHE B 223 -22.77 0.77 -12.84
C PHE B 223 -22.08 -0.36 -12.10
N VAL B 224 -20.75 -0.32 -12.03
CA VAL B 224 -19.98 -1.36 -11.36
C VAL B 224 -20.33 -1.45 -9.88
N ARG B 225 -20.44 -0.29 -9.24
CA ARG B 225 -20.83 -0.25 -7.82
C ARG B 225 -22.22 -0.85 -7.59
N THR B 226 -23.13 -0.57 -8.51
CA THR B 226 -24.47 -1.15 -8.47
C THR B 226 -24.46 -2.68 -8.58
N VAL B 227 -23.79 -3.20 -9.59
CA VAL B 227 -23.67 -4.66 -9.75
C VAL B 227 -23.01 -5.30 -8.51
N ARG B 228 -21.93 -4.68 -8.03
CA ARG B 228 -21.19 -5.22 -6.88
C ARG B 228 -22.09 -5.27 -5.63
N ASP B 229 -22.96 -4.28 -5.47
CA ASP B 229 -23.95 -4.28 -4.39
C ASP B 229 -24.85 -5.51 -4.46
N TYR B 230 -25.36 -5.80 -5.65
CA TYR B 230 -26.22 -6.96 -5.86
C TYR B 230 -25.46 -8.28 -5.67
N ILE B 231 -24.23 -8.34 -6.17
CA ILE B 231 -23.42 -9.54 -5.97
C ILE B 231 -23.26 -9.81 -4.48
N ASN B 232 -22.96 -8.77 -3.73
CA ASN B 232 -22.72 -8.91 -2.29
C ASN B 232 -23.98 -9.38 -1.55
N ARG B 233 -25.14 -9.22 -2.19
CA ARG B 233 -26.41 -9.62 -1.60
C ARG B 233 -27.01 -10.81 -2.33
N SER B 234 -26.16 -11.68 -2.85
CA SER B 234 -26.62 -12.88 -3.55
C SER B 234 -26.04 -14.12 -2.86
N PRO B 235 -26.56 -14.44 -1.66
CA PRO B 235 -26.01 -15.56 -0.89
C PRO B 235 -26.09 -16.84 -1.72
N GLY B 236 -24.98 -17.57 -1.80
CA GLY B 236 -24.98 -18.87 -2.44
C GLY B 236 -24.69 -18.84 -3.94
N ALA B 237 -24.53 -17.65 -4.50
CA ALA B 237 -24.34 -17.52 -5.94
C ALA B 237 -23.02 -18.16 -6.36
N GLY B 238 -23.02 -18.80 -7.53
CA GLY B 238 -21.77 -19.15 -8.21
C GLY B 238 -21.12 -17.94 -8.86
N PRO B 239 -20.31 -18.19 -9.90
CA PRO B 239 -19.63 -17.08 -10.59
C PRO B 239 -20.61 -16.04 -11.10
N THR B 240 -20.18 -14.78 -11.14
CA THR B 240 -20.87 -13.76 -11.90
C THR B 240 -20.50 -13.88 -13.37
N VAL B 241 -21.50 -13.99 -14.24
CA VAL B 241 -21.22 -14.00 -15.68
C VAL B 241 -21.06 -12.58 -16.18
N VAL B 242 -20.03 -12.35 -16.99
CA VAL B 242 -19.83 -11.05 -17.64
C VAL B 242 -19.57 -11.33 -19.12
N HIS B 243 -20.27 -10.63 -19.99
CA HIS B 243 -19.99 -10.74 -21.41
C HIS B 243 -20.20 -9.43 -22.15
N CYS B 244 -19.55 -9.34 -23.31
CA CYS B 244 -19.79 -8.29 -24.28
C CYS B 244 -20.00 -8.95 -25.64
N SER B 245 -19.24 -8.57 -26.66
CA SER B 245 -19.36 -9.30 -27.92
C SER B 245 -18.37 -10.47 -27.99
N ALA B 246 -17.09 -10.15 -27.87
CA ALA B 246 -16.04 -11.17 -27.87
C ALA B 246 -15.78 -11.74 -26.49
N GLY B 247 -16.23 -11.02 -25.45
CA GLY B 247 -15.90 -11.37 -24.07
C GLY B 247 -14.45 -11.11 -23.68
N VAL B 248 -13.85 -10.06 -24.25
CA VAL B 248 -12.48 -9.69 -23.89
C VAL B 248 -12.29 -8.23 -23.49
N GLY B 249 -12.71 -7.29 -24.34
CA GLY B 249 -12.33 -5.89 -24.11
C GLY B 249 -13.15 -5.19 -23.05
N ARG B 250 -14.44 -5.03 -23.32
CA ARG B 250 -15.31 -4.34 -22.38
C ARG B 250 -15.55 -5.22 -21.16
N THR B 251 -15.67 -6.53 -21.38
CA THR B 251 -15.75 -7.48 -20.28
C THR B 251 -14.52 -7.38 -19.36
N GLY B 252 -13.33 -7.36 -19.95
CA GLY B 252 -12.11 -7.36 -19.14
C GLY B 252 -11.99 -6.05 -18.38
N THR B 253 -12.42 -4.97 -19.03
CA THR B 253 -12.36 -3.66 -18.39
C THR B 253 -13.36 -3.57 -17.24
N PHE B 254 -14.56 -4.11 -17.43
CA PHE B 254 -15.54 -4.17 -16.35
C PHE B 254 -14.97 -4.91 -15.14
N ILE B 255 -14.42 -6.09 -15.38
CA ILE B 255 -13.87 -6.91 -14.28
C ILE B 255 -12.71 -6.20 -13.58
N ALA B 256 -11.77 -5.65 -14.35
CA ALA B 256 -10.65 -4.92 -13.75
C ALA B 256 -11.16 -3.79 -12.85
N LEU B 257 -12.15 -3.05 -13.33
CA LEU B 257 -12.72 -1.95 -12.56
C LEU B 257 -13.43 -2.44 -11.29
N ASP B 258 -14.19 -3.51 -11.40
CA ASP B 258 -14.79 -4.16 -10.22
C ASP B 258 -13.70 -4.49 -9.20
N ARG B 259 -12.60 -5.07 -9.66
CA ARG B 259 -11.53 -5.46 -8.75
C ARG B 259 -10.89 -4.24 -8.06
N ILE B 260 -10.55 -3.22 -8.85
CA ILE B 260 -9.82 -2.10 -8.28
C ILE B 260 -10.66 -1.20 -7.38
N LEU B 261 -11.96 -1.10 -7.68
CA LEU B 261 -12.85 -0.30 -6.84
C LEU B 261 -13.01 -0.93 -5.46
N GLN B 262 -13.03 -2.26 -5.42
CA GLN B 262 -12.99 -2.97 -4.14
C GLN B 262 -11.70 -2.68 -3.39
N GLN B 263 -10.59 -2.69 -4.13
CA GLN B 263 -9.28 -2.39 -3.54
C GLN B 263 -9.25 -0.99 -2.93
N LEU B 264 -9.81 -0.03 -3.65
CA LEU B 264 -9.91 1.36 -3.17
C LEU B 264 -10.66 1.46 -1.86
N ASP B 265 -11.64 0.59 -1.66
CA ASP B 265 -12.47 0.61 -0.47
C ASP B 265 -11.81 -0.07 0.73
N SER B 266 -10.92 -1.02 0.46
CA SER B 266 -10.49 -1.98 1.47
C SER B 266 -8.99 -1.94 1.75
N LYS B 267 -8.23 -1.35 0.85
CA LYS B 267 -6.77 -1.46 0.91
C LYS B 267 -6.10 -0.09 0.75
N ASP B 268 -4.80 -0.04 1.00
CA ASP B 268 -4.06 1.22 0.91
C ASP B 268 -3.24 1.29 -0.39
N SER B 269 -3.41 0.27 -1.23
CA SER B 269 -2.80 0.25 -2.55
C SER B 269 -3.82 -0.22 -3.59
N VAL B 270 -3.58 0.13 -4.85
CA VAL B 270 -4.39 -0.36 -5.95
CA VAL B 270 -4.39 -0.37 -5.96
C VAL B 270 -3.48 -0.94 -7.04
N ASP B 271 -3.88 -2.07 -7.63
CA ASP B 271 -3.00 -2.78 -8.56
C ASP B 271 -3.71 -3.02 -9.90
N ILE B 272 -3.70 -2.01 -10.76
CA ILE B 272 -4.36 -2.11 -12.06
C ILE B 272 -3.59 -3.05 -12.99
N TYR B 273 -2.27 -2.86 -13.09
CA TYR B 273 -1.42 -3.79 -13.81
C TYR B 273 -1.68 -5.24 -13.39
N GLY B 274 -1.63 -5.49 -12.09
CA GLY B 274 -1.76 -6.85 -11.59
C GLY B 274 -3.10 -7.48 -11.93
N ALA B 275 -4.16 -6.67 -11.87
CA ALA B 275 -5.49 -7.12 -12.27
C ALA B 275 -5.54 -7.55 -13.74
N VAL B 276 -5.07 -6.68 -14.63
CA VAL B 276 -5.05 -6.99 -16.05
C VAL B 276 -4.13 -8.17 -16.34
N HIS B 277 -2.99 -8.25 -15.63
CA HIS B 277 -2.11 -9.39 -15.78
C HIS B 277 -2.87 -10.69 -15.47
N ASP B 278 -3.57 -10.71 -14.35
CA ASP B 278 -4.25 -11.92 -13.90
CA ASP B 278 -4.23 -11.93 -13.93
C ASP B 278 -5.37 -12.29 -14.87
N LEU B 279 -6.13 -11.30 -15.33
CA LEU B 279 -7.12 -11.50 -16.40
C LEU B 279 -6.50 -12.16 -17.63
N ARG B 280 -5.37 -11.60 -18.09
CA ARG B 280 -4.70 -12.11 -19.27
C ARG B 280 -4.25 -13.56 -19.10
N LEU B 281 -3.88 -13.95 -17.90
CA LEU B 281 -3.48 -15.34 -17.66
C LEU B 281 -4.64 -16.30 -17.97
N HIS B 282 -5.87 -15.80 -17.86
CA HIS B 282 -7.05 -16.66 -17.94
C HIS B 282 -7.84 -16.58 -19.24
N ARG B 283 -7.70 -15.48 -19.98
CA ARG B 283 -8.31 -15.38 -21.31
C ARG B 283 -7.57 -14.35 -22.16
N VAL B 284 -7.54 -14.58 -23.47
CA VAL B 284 -6.83 -13.70 -24.39
C VAL B 284 -7.47 -12.30 -24.42
N HIS B 285 -6.62 -11.30 -24.60
CA HIS B 285 -7.05 -9.95 -24.99
C HIS B 285 -7.78 -9.17 -23.91
N MET B 286 -7.86 -9.69 -22.70
CA MET B 286 -8.65 -9.02 -21.66
C MET B 286 -8.16 -7.59 -21.43
N VAL B 287 -9.08 -6.64 -21.50
CA VAL B 287 -8.74 -5.22 -21.70
C VAL B 287 -8.01 -5.00 -23.03
N GLN B 288 -8.79 -4.71 -24.07
CA GLN B 288 -8.42 -5.08 -25.44
C GLN B 288 -7.78 -3.92 -26.20
N THR B 289 -7.97 -2.71 -25.69
CA THR B 289 -7.33 -1.51 -26.28
C THR B 289 -6.62 -0.68 -25.23
N GLU B 290 -5.61 0.08 -25.65
CA GLU B 290 -4.85 0.91 -24.73
C GLU B 290 -5.71 1.95 -24.02
N CYS B 291 -6.73 2.47 -24.72
CA CYS B 291 -7.58 3.49 -24.13
C CYS B 291 -8.43 2.93 -22.98
N GLN B 292 -8.77 1.65 -23.07
CA GLN B 292 -9.43 0.97 -21.96
C GLN B 292 -8.50 0.89 -20.76
N TYR B 293 -7.24 0.58 -21.01
CA TYR B 293 -6.24 0.58 -19.94
C TYR B 293 -6.08 1.97 -19.33
N VAL B 294 -5.98 2.99 -20.17
CA VAL B 294 -5.95 4.37 -19.67
C VAL B 294 -7.19 4.70 -18.85
N TYR B 295 -8.36 4.30 -19.36
CA TYR B 295 -9.65 4.58 -18.71
C TYR B 295 -9.69 4.02 -17.28
N LEU B 296 -9.15 2.82 -17.09
CA LEU B 296 -9.06 2.25 -15.74
C LEU B 296 -8.34 3.17 -14.75
N HIS B 297 -7.22 3.74 -15.16
CA HIS B 297 -6.48 4.69 -14.36
C HIS B 297 -7.29 5.96 -14.08
N GLN B 298 -8.02 6.43 -15.09
CA GLN B 298 -8.81 7.65 -14.98
C GLN B 298 -9.95 7.45 -13.97
N CYS B 299 -10.55 6.27 -14.01
CA CYS B 299 -11.57 5.91 -13.02
C CYS B 299 -11.01 5.98 -11.60
N VAL B 300 -9.85 5.38 -11.38
CA VAL B 300 -9.26 5.38 -10.04
C VAL B 300 -8.91 6.81 -9.62
N ARG B 301 -8.30 7.55 -10.54
CA ARG B 301 -7.96 8.95 -10.29
C ARG B 301 -9.18 9.78 -9.89
N ASP B 302 -10.27 9.64 -10.65
CA ASP B 302 -11.50 10.36 -10.37
C ASP B 302 -12.17 9.96 -9.06
N VAL B 303 -12.17 8.67 -8.73
CA VAL B 303 -12.70 8.22 -7.45
C VAL B 303 -11.96 8.87 -6.27
N LEU B 304 -10.64 8.88 -6.35
CA LEU B 304 -9.82 9.39 -5.26
C LEU B 304 -9.98 10.90 -5.10
N ARG B 305 -10.04 11.63 -6.22
CA ARG B 305 -10.27 13.07 -6.19
C ARG B 305 -11.55 13.37 -5.43
N ALA B 306 -12.60 12.62 -5.75
CA ALA B 306 -13.92 12.90 -5.23
C ALA B 306 -13.97 12.74 -3.72
N ARG B 307 -13.30 11.71 -3.20
CA ARG B 307 -13.45 11.33 -1.81
C ARG B 307 -12.64 12.21 -0.85
N LYS B 308 -11.62 12.87 -1.37
CA LYS B 308 -10.92 13.91 -0.62
C LYS B 308 -11.88 15.00 -0.17
N LEU B 309 -12.82 15.35 -1.04
CA LEU B 309 -13.84 16.35 -0.74
C LEU B 309 -14.90 15.77 0.20
CL CL C . 20.59 18.84 30.44
O3 UA5 D . 9.01 12.92 15.96
S1 UA5 D . 8.92 14.08 16.88
O1 UA5 D . 9.66 15.23 16.33
O2 UA5 D . 9.37 13.72 18.25
N1 UA5 D . 7.34 14.43 16.94
C3 UA5 D . 6.89 15.35 17.84
C6 UA5 D . 6.44 14.94 19.10
C2 UA5 D . 5.95 15.89 20.00
C5 UA5 D . 5.90 17.24 19.66
C7 UA5 D . 5.38 18.26 20.65
C8 UA5 D . 3.90 18.49 20.44
C4 UA5 D . 6.35 17.64 18.40
C1 UA5 D . 6.84 16.70 17.50
MG MG E . -11.02 -12.31 1.21
CL CL F . -29.31 -4.34 -27.19
O3 UA5 G . -15.54 -5.66 -26.01
S1 UA5 G . -15.37 -6.74 -27.00
O1 UA5 G . -16.68 -7.25 -27.48
O2 UA5 G . -14.54 -7.84 -26.44
N1 UA5 G . -14.58 -6.14 -28.27
C3 UA5 G . -14.13 -6.96 -29.25
C6 UA5 G . -12.85 -7.50 -29.18
C2 UA5 G . -12.39 -8.34 -30.20
C5 UA5 G . -13.22 -8.65 -31.27
C7 UA5 G . -12.73 -9.56 -32.37
C8 UA5 G . -12.53 -8.79 -33.66
C4 UA5 G . -14.50 -8.12 -31.33
C1 UA5 G . -14.96 -7.27 -30.32
#